data_1NUU
#
_entry.id   1NUU
#
_cell.length_a   79.385
_cell.length_b   79.385
_cell.length_c   146.844
_cell.angle_alpha   90.00
_cell.angle_beta   90.00
_cell.angle_gamma   90.00
#
_symmetry.space_group_name_H-M   'P 43 21 2'
#
loop_
_entity.id
_entity.type
_entity.pdbx_description
1 polymer FKSG76
2 non-polymer 'SULFATE ION'
3 non-polymer NICOTINAMIDE-ADENINE-DINUCLEOTIDE
4 water water
#
_entity_poly.entity_id   1
_entity_poly.type   'polypeptide(L)'
_entity_poly.pdbx_seq_one_letter_code
;MKSRIPVVLLACGSFNPITNMHLRMFEVARDHLHQTGMYQVIQGIISPVNDTYGKKDLAASHHRVAMARLALQTSDWIRV
DPWESEQAQWMETVKVLRHHHSKLLRSPPQMEGPDHGKALFSTPAAVPELKLLCGADVLKTFQTPNLWKDAHIQEIVEKF
GLVCVGRVSHDPKGYIAESPILRMHQHNIHLAKEPVQNEISATYIRRALGQGQSVKYLIPDAVITYIKDHGLYTKGSTWK
GKSTQSTEGKTS
;
_entity_poly.pdbx_strand_id   A,B
#
loop_
_chem_comp.id
_chem_comp.type
_chem_comp.name
_chem_comp.formula
NAD non-polymer NICOTINAMIDE-ADENINE-DINUCLEOTIDE 'C21 H27 N7 O14 P2'
SO4 non-polymer 'SULFATE ION' 'O4 S -2'
#
# COMPACT_ATOMS: atom_id res chain seq x y z
N SER A 3 17.10 11.93 32.76
CA SER A 3 17.00 10.47 32.45
C SER A 3 16.19 10.25 31.17
N ARG A 4 15.85 8.99 30.91
CA ARG A 4 15.09 8.64 29.70
C ARG A 4 13.59 8.82 29.83
N ILE A 5 12.94 9.22 28.73
CA ILE A 5 11.50 9.40 28.69
C ILE A 5 10.86 8.00 28.52
N PRO A 6 9.92 7.62 29.40
CA PRO A 6 9.27 6.30 29.29
C PRO A 6 8.32 6.34 28.08
N VAL A 7 8.23 5.22 27.38
CA VAL A 7 7.38 5.14 26.19
C VAL A 7 6.57 3.83 26.13
N VAL A 8 5.31 3.93 25.71
CA VAL A 8 4.47 2.76 25.52
C VAL A 8 4.17 2.80 24.01
N LEU A 9 4.34 1.67 23.35
CA LEU A 9 4.10 1.57 21.92
C LEU A 9 2.74 0.92 21.66
N LEU A 10 1.90 1.56 20.86
CA LEU A 10 0.60 0.99 20.56
C LEU A 10 0.51 0.64 19.09
N ALA A 11 0.22 -0.63 18.78
CA ALA A 11 0.07 -1.01 17.39
C ALA A 11 -1.39 -1.36 17.12
N CYS A 12 -2.03 -0.55 16.29
CA CYS A 12 -3.42 -0.78 15.89
C CYS A 12 -3.38 -1.47 14.55
N GLY A 13 -4.18 -2.51 14.38
CA GLY A 13 -4.16 -3.19 13.09
C GLY A 13 -5.13 -4.35 13.11
N SER A 14 -5.20 -5.08 12.01
CA SER A 14 -6.08 -6.24 11.90
C SER A 14 -5.57 -7.48 12.62
N PHE A 15 -4.28 -7.78 12.47
CA PHE A 15 -3.69 -8.98 13.09
C PHE A 15 -4.60 -10.18 12.78
N ASN A 16 -4.72 -10.45 11.48
CA ASN A 16 -5.62 -11.47 10.91
C ASN A 16 -4.88 -12.51 10.05
N PRO A 17 -3.99 -13.32 10.65
CA PRO A 17 -3.62 -13.37 12.06
C PRO A 17 -2.35 -12.58 12.33
N ILE A 18 -1.95 -12.50 13.60
CA ILE A 18 -0.72 -11.83 13.96
C ILE A 18 0.40 -12.71 13.36
N THR A 19 1.44 -12.08 12.83
CA THR A 19 2.54 -12.81 12.16
C THR A 19 3.88 -12.51 12.82
N ASN A 20 4.93 -13.24 12.44
CA ASN A 20 6.25 -12.90 13.02
C ASN A 20 6.70 -11.49 12.65
N MET A 21 6.24 -11.00 11.51
CA MET A 21 6.64 -9.65 11.09
C MET A 21 5.98 -8.57 11.95
N HIS A 22 4.70 -8.77 12.29
CA HIS A 22 4.00 -7.83 13.16
C HIS A 22 4.76 -7.74 14.49
N LEU A 23 5.22 -8.89 14.97
CA LEU A 23 5.95 -8.96 16.24
C LEU A 23 7.35 -8.34 16.11
N ARG A 24 8.03 -8.64 15.01
CA ARG A 24 9.36 -8.10 14.77
C ARG A 24 9.31 -6.57 14.81
N MET A 25 8.19 -6.01 14.34
CA MET A 25 7.99 -4.55 14.28
C MET A 25 8.19 -3.94 15.64
N PHE A 26 7.67 -4.58 16.70
CA PHE A 26 7.87 -4.05 18.05
C PHE A 26 9.31 -4.06 18.49
N GLU A 27 10.00 -5.18 18.20
CA GLU A 27 11.38 -5.30 18.62
C GLU A 27 12.27 -4.27 17.94
N VAL A 28 12.11 -4.11 16.63
CA VAL A 28 12.91 -3.16 15.87
C VAL A 28 12.67 -1.74 16.39
N ALA A 29 11.40 -1.41 16.59
CA ALA A 29 11.04 -0.09 17.13
C ALA A 29 11.65 0.15 18.52
N ARG A 30 11.58 -0.84 19.41
CA ARG A 30 12.14 -0.63 20.73
C ARG A 30 13.65 -0.38 20.70
N ASP A 31 14.40 -1.21 19.95
CA ASP A 31 15.85 -1.03 19.85
C ASP A 31 16.16 0.36 19.24
N HIS A 32 15.38 0.78 18.26
CA HIS A 32 15.59 2.10 17.64
C HIS A 32 15.42 3.23 18.66
N LEU A 33 14.30 3.25 19.37
CA LEU A 33 14.08 4.27 20.40
C LEU A 33 15.17 4.23 21.46
N HIS A 34 15.56 3.02 21.88
CA HIS A 34 16.60 2.94 22.89
C HIS A 34 17.93 3.47 22.34
N GLN A 35 18.22 3.17 21.08
CA GLN A 35 19.46 3.65 20.48
C GLN A 35 19.54 5.17 20.38
N THR A 36 18.41 5.87 20.47
CA THR A 36 18.46 7.34 20.40
C THR A 36 19.05 7.86 21.69
N GLY A 37 18.96 7.05 22.74
CA GLY A 37 19.47 7.47 24.02
C GLY A 37 18.49 8.27 24.86
N MET A 38 17.37 8.70 24.28
CA MET A 38 16.45 9.49 25.08
C MET A 38 15.15 8.83 25.52
N TYR A 39 14.94 7.58 25.13
CA TYR A 39 13.71 6.86 25.50
C TYR A 39 13.94 5.51 26.15
N GLN A 40 12.92 5.07 26.88
CA GLN A 40 12.93 3.76 27.53
C GLN A 40 11.56 3.16 27.27
N VAL A 41 11.49 2.16 26.41
CA VAL A 41 10.21 1.55 26.09
C VAL A 41 9.87 0.62 27.26
N ILE A 42 8.73 0.86 27.91
CA ILE A 42 8.34 0.04 29.05
C ILE A 42 7.20 -0.92 28.73
N GLN A 43 6.58 -0.78 27.56
CA GLN A 43 5.49 -1.66 27.20
C GLN A 43 5.04 -1.53 25.76
N GLY A 44 4.50 -2.63 25.23
CA GLY A 44 3.98 -2.61 23.88
C GLY A 44 2.56 -3.13 23.96
N ILE A 45 1.67 -2.60 23.15
CA ILE A 45 0.27 -3.02 23.14
C ILE A 45 -0.20 -3.33 21.72
N ILE A 46 -0.76 -4.53 21.55
CA ILE A 46 -1.33 -4.99 20.29
C ILE A 46 -2.83 -4.78 20.45
N SER A 47 -3.40 -3.92 19.61
CA SER A 47 -4.83 -3.66 19.67
C SER A 47 -5.54 -4.07 18.40
N PRO A 48 -6.11 -5.29 18.38
CA PRO A 48 -6.82 -5.74 17.17
C PRO A 48 -8.05 -4.87 16.84
N VAL A 49 -8.23 -4.62 15.56
CA VAL A 49 -9.35 -3.79 15.07
C VAL A 49 -10.71 -4.46 15.30
N ASN A 50 -11.75 -3.63 15.38
CA ASN A 50 -13.12 -4.09 15.60
C ASN A 50 -13.59 -4.87 14.37
N ASP A 51 -14.55 -5.77 14.57
CA ASP A 51 -15.08 -6.57 13.47
C ASP A 51 -15.89 -5.80 12.43
N THR A 52 -16.38 -4.61 12.77
CA THR A 52 -17.18 -3.87 11.80
C THR A 52 -16.32 -3.16 10.76
N TYR A 53 -15.02 -3.14 11.03
CA TYR A 53 -14.04 -2.47 10.16
C TYR A 53 -13.84 -3.00 8.75
N GLY A 54 -13.62 -2.06 7.83
CA GLY A 54 -13.34 -2.38 6.44
C GLY A 54 -14.34 -3.16 5.62
N LYS A 55 -13.90 -3.54 4.42
CA LYS A 55 -14.69 -4.30 3.45
C LYS A 55 -14.26 -5.76 3.50
N LYS A 56 -13.05 -5.99 3.97
CA LYS A 56 -12.47 -7.32 4.08
C LYS A 56 -13.08 -8.15 5.22
N ASP A 57 -13.21 -9.45 4.99
CA ASP A 57 -13.74 -10.36 6.00
C ASP A 57 -12.60 -10.84 6.89
N LEU A 58 -12.67 -10.48 8.17
CA LEU A 58 -11.66 -10.84 9.15
C LEU A 58 -12.17 -11.92 10.06
N ALA A 59 -11.26 -12.70 10.64
CA ALA A 59 -11.68 -13.69 11.62
C ALA A 59 -12.29 -12.88 12.77
N ALA A 60 -13.16 -13.49 13.56
CA ALA A 60 -13.77 -12.78 14.68
C ALA A 60 -12.69 -12.18 15.59
N SER A 61 -12.93 -10.99 16.12
CA SER A 61 -11.96 -10.37 17.00
C SER A 61 -11.67 -11.25 18.21
N HIS A 62 -12.65 -12.05 18.62
CA HIS A 62 -12.46 -12.96 19.75
C HIS A 62 -11.22 -13.82 19.47
N HIS A 63 -11.15 -14.33 18.23
CA HIS A 63 -10.01 -15.16 17.81
C HIS A 63 -8.72 -14.36 17.56
N ARG A 64 -8.84 -13.16 16.99
CA ARG A 64 -7.63 -12.38 16.73
C ARG A 64 -6.98 -11.94 18.04
N VAL A 65 -7.82 -11.63 19.03
CA VAL A 65 -7.31 -11.27 20.34
C VAL A 65 -6.67 -12.53 20.95
N ALA A 66 -7.32 -13.69 20.80
CA ALA A 66 -6.77 -14.93 21.36
C ALA A 66 -5.43 -15.29 20.73
N MET A 67 -5.36 -15.17 19.40
CA MET A 67 -4.12 -15.50 18.74
C MET A 67 -2.99 -14.56 19.20
N ALA A 68 -3.29 -13.28 19.36
CA ALA A 68 -2.25 -12.35 19.82
C ALA A 68 -1.79 -12.71 21.23
N ARG A 69 -2.75 -12.93 22.13
CA ARG A 69 -2.38 -13.33 23.50
C ARG A 69 -1.43 -14.53 23.47
N LEU A 70 -1.78 -15.55 22.69
CA LEU A 70 -0.92 -16.74 22.64
C LEU A 70 0.44 -16.44 22.01
N ALA A 71 0.44 -15.62 20.97
CA ALA A 71 1.71 -15.24 20.32
C ALA A 71 2.62 -14.49 21.28
N LEU A 72 2.01 -13.73 22.20
CA LEU A 72 2.75 -12.92 23.14
C LEU A 72 3.14 -13.58 24.45
N GLN A 73 2.83 -14.86 24.61
CA GLN A 73 3.17 -15.54 25.85
C GLN A 73 4.69 -15.55 26.09
N THR A 74 5.51 -15.58 25.03
CA THR A 74 6.97 -15.55 25.20
C THR A 74 7.54 -14.12 25.13
N SER A 75 6.68 -13.13 25.24
CA SER A 75 7.16 -11.74 25.24
C SER A 75 7.06 -11.24 26.68
N ASP A 76 8.07 -10.56 27.19
CA ASP A 76 7.92 -10.06 28.55
C ASP A 76 7.54 -8.58 28.57
N TRP A 77 7.19 -8.01 27.42
CA TRP A 77 6.85 -6.58 27.45
C TRP A 77 5.71 -6.17 26.52
N ILE A 78 5.23 -7.09 25.68
CA ILE A 78 4.14 -6.76 24.76
C ILE A 78 2.91 -7.57 25.18
N ARG A 79 1.76 -6.92 25.27
CA ARG A 79 0.52 -7.61 25.61
C ARG A 79 -0.57 -7.23 24.63
N VAL A 80 -1.62 -8.06 24.53
CA VAL A 80 -2.73 -7.72 23.65
C VAL A 80 -3.77 -6.98 24.49
N ASP A 81 -4.44 -5.97 23.91
CA ASP A 81 -5.49 -5.25 24.64
C ASP A 81 -6.73 -5.30 23.80
N PRO A 82 -7.75 -5.98 24.30
CA PRO A 82 -8.99 -6.10 23.55
C PRO A 82 -9.98 -4.94 23.59
N TRP A 83 -9.74 -3.93 24.42
CA TRP A 83 -10.70 -2.82 24.52
C TRP A 83 -11.24 -2.31 23.20
N GLU A 84 -10.35 -1.98 22.27
CA GLU A 84 -10.78 -1.50 20.97
C GLU A 84 -11.74 -2.45 20.25
N SER A 85 -11.40 -3.74 20.23
CA SER A 85 -12.24 -4.69 19.53
C SER A 85 -13.57 -4.95 20.25
N GLU A 86 -13.61 -4.64 21.54
CA GLU A 86 -14.82 -4.86 22.33
C GLU A 86 -15.86 -3.74 22.23
N GLN A 87 -15.51 -2.65 21.55
CA GLN A 87 -16.45 -1.55 21.41
C GLN A 87 -17.52 -1.92 20.38
N ALA A 88 -18.70 -1.31 20.53
CA ALA A 88 -19.82 -1.60 19.64
C ALA A 88 -19.41 -1.47 18.19
N GLN A 89 -18.56 -0.49 17.89
CA GLN A 89 -18.13 -0.34 16.50
C GLN A 89 -16.73 0.21 16.31
N TRP A 90 -16.27 0.13 15.07
CA TRP A 90 -14.95 0.62 14.67
C TRP A 90 -14.72 2.00 15.25
N MET A 91 -13.46 2.25 15.60
CA MET A 91 -13.08 3.50 16.22
C MET A 91 -11.85 4.08 15.54
N GLU A 92 -11.90 5.37 15.17
CA GLU A 92 -10.74 6.00 14.53
C GLU A 92 -9.52 5.80 15.41
N THR A 93 -8.37 5.62 14.81
CA THR A 93 -7.18 5.37 15.60
C THR A 93 -6.86 6.44 16.65
N VAL A 94 -7.10 7.71 16.34
CA VAL A 94 -6.78 8.74 17.33
C VAL A 94 -7.60 8.52 18.63
N LYS A 95 -8.80 7.97 18.51
CA LYS A 95 -9.61 7.73 19.70
C LYS A 95 -9.06 6.60 20.57
N VAL A 96 -8.46 5.60 19.92
CA VAL A 96 -7.88 4.49 20.64
C VAL A 96 -6.67 5.01 21.39
N LEU A 97 -5.89 5.88 20.76
CA LEU A 97 -4.73 6.47 21.42
C LEU A 97 -5.19 7.26 22.66
N ARG A 98 -6.24 8.06 22.50
CA ARG A 98 -6.74 8.86 23.62
C ARG A 98 -7.12 7.96 24.78
N HIS A 99 -7.81 6.88 24.47
CA HIS A 99 -8.24 5.94 25.51
C HIS A 99 -7.06 5.36 26.29
N HIS A 100 -6.06 4.87 25.56
CA HIS A 100 -4.91 4.28 26.24
C HIS A 100 -4.09 5.33 26.94
N HIS A 101 -4.10 6.56 26.44
CA HIS A 101 -3.37 7.62 27.12
C HIS A 101 -4.06 7.82 28.48
N SER A 102 -5.40 7.87 28.47
CA SER A 102 -6.14 8.06 29.71
C SER A 102 -5.86 6.93 30.68
N LYS A 103 -5.71 5.72 30.15
CA LYS A 103 -5.45 4.56 30.97
C LYS A 103 -4.13 4.73 31.72
N LEU A 104 -3.15 5.35 31.08
CA LEU A 104 -1.85 5.58 31.72
C LEU A 104 -1.93 6.69 32.76
N LEU A 105 -2.84 7.62 32.57
CA LEU A 105 -3.01 8.75 33.49
C LEU A 105 -3.03 8.34 34.96
N ALA A 126 4.53 13.36 35.16
CA ALA A 126 5.43 12.21 35.07
C ALA A 126 4.75 11.05 34.34
N VAL A 127 4.13 11.34 33.21
CA VAL A 127 3.43 10.31 32.43
C VAL A 127 4.20 9.87 31.18
N PRO A 128 4.32 8.56 30.96
CA PRO A 128 5.04 8.07 29.79
C PRO A 128 4.35 8.51 28.49
N GLU A 129 5.13 8.72 27.44
CA GLU A 129 4.60 9.14 26.15
C GLU A 129 4.06 7.91 25.40
N LEU A 130 2.85 8.02 24.86
CA LEU A 130 2.23 6.92 24.14
C LEU A 130 2.41 7.17 22.66
N LYS A 131 3.01 6.23 21.95
CA LYS A 131 3.23 6.43 20.52
C LYS A 131 2.63 5.35 19.65
N LEU A 132 2.11 5.75 18.48
CA LEU A 132 1.51 4.79 17.57
C LEU A 132 2.65 4.08 16.82
N LEU A 133 2.63 2.75 16.81
CA LEU A 133 3.65 1.98 16.12
C LEU A 133 3.07 1.46 14.82
N CYS A 134 3.74 1.69 13.69
CA CYS A 134 3.20 1.13 12.45
C CYS A 134 4.26 0.93 11.39
N GLY A 135 3.89 0.24 10.32
CA GLY A 135 4.83 0.05 9.23
C GLY A 135 4.78 1.29 8.33
N ALA A 136 5.80 1.51 7.52
CA ALA A 136 5.83 2.68 6.64
C ALA A 136 4.64 2.74 5.67
N ASP A 137 4.03 1.61 5.36
CA ASP A 137 2.90 1.62 4.46
C ASP A 137 1.73 2.42 5.04
N VAL A 138 1.59 2.44 6.38
CA VAL A 138 0.51 3.19 7.04
C VAL A 138 0.72 4.67 6.84
N LEU A 139 1.97 5.09 6.86
CA LEU A 139 2.31 6.48 6.66
C LEU A 139 1.84 6.89 5.27
N LYS A 140 1.98 5.98 4.31
CA LYS A 140 1.54 6.28 2.97
C LYS A 140 0.02 6.41 2.93
N THR A 141 -0.71 5.65 3.76
CA THR A 141 -2.18 5.74 3.69
C THR A 141 -2.72 7.06 4.20
N PHE A 142 -1.89 7.84 4.89
CA PHE A 142 -2.32 9.15 5.38
C PHE A 142 -2.70 10.03 4.18
N GLN A 143 -2.14 9.72 3.02
CA GLN A 143 -2.36 10.49 1.79
C GLN A 143 -3.66 10.09 1.07
N THR A 144 -4.29 9.01 1.49
CA THR A 144 -5.50 8.56 0.83
C THR A 144 -6.71 9.46 1.09
N PRO A 145 -7.32 9.98 0.02
CA PRO A 145 -8.49 10.86 0.11
C PRO A 145 -9.54 10.29 1.06
N ASN A 146 -9.95 11.11 2.03
CA ASN A 146 -10.96 10.75 3.02
C ASN A 146 -10.65 9.61 3.97
N LEU A 147 -9.39 9.16 4.03
CA LEU A 147 -9.11 8.04 4.93
C LEU A 147 -8.83 8.49 6.35
N TRP A 148 -7.96 9.50 6.49
CA TRP A 148 -7.62 10.04 7.80
C TRP A 148 -7.93 11.54 7.81
N LYS A 149 -8.59 12.02 8.86
CA LYS A 149 -8.89 13.43 8.96
C LYS A 149 -7.59 14.16 9.28
N ASP A 150 -7.32 15.24 8.55
CA ASP A 150 -6.13 16.03 8.76
C ASP A 150 -5.91 16.36 10.22
N ALA A 151 -6.98 16.69 10.93
CA ALA A 151 -6.87 17.02 12.35
C ALA A 151 -6.43 15.81 13.17
N HIS A 152 -6.78 14.62 12.71
CA HIS A 152 -6.40 13.41 13.44
C HIS A 152 -4.94 13.11 13.16
N ILE A 153 -4.52 13.31 11.92
CA ILE A 153 -3.13 13.05 11.57
C ILE A 153 -2.30 13.96 12.45
N GLN A 154 -2.75 15.21 12.58
CA GLN A 154 -2.04 16.19 13.37
C GLN A 154 -1.96 15.81 14.84
N GLU A 155 -3.09 15.41 15.42
CA GLU A 155 -3.07 15.05 16.83
C GLU A 155 -2.23 13.78 17.06
N ILE A 156 -2.28 12.85 16.10
CA ILE A 156 -1.49 11.62 16.25
C ILE A 156 0.00 11.95 16.32
N VAL A 157 0.51 12.74 15.39
CA VAL A 157 1.93 13.01 15.44
C VAL A 157 2.32 14.02 16.51
N GLU A 158 1.47 14.99 16.79
CA GLU A 158 1.82 16.02 17.77
C GLU A 158 1.63 15.64 19.24
N LYS A 159 0.48 15.07 19.57
CA LYS A 159 0.20 14.72 20.95
C LYS A 159 0.66 13.35 21.39
N PHE A 160 0.85 12.45 20.43
CA PHE A 160 1.29 11.09 20.78
C PHE A 160 2.66 10.74 20.23
N GLY A 161 2.78 10.71 18.91
CA GLY A 161 4.05 10.34 18.29
C GLY A 161 3.86 9.14 17.39
N LEU A 162 4.77 8.97 16.43
CA LEU A 162 4.69 7.85 15.50
C LEU A 162 6.05 7.16 15.41
N VAL A 163 6.06 5.83 15.44
CA VAL A 163 7.32 5.10 15.29
C VAL A 163 6.96 4.24 14.12
N CYS A 164 7.70 4.44 13.03
CA CYS A 164 7.44 3.76 11.78
C CYS A 164 8.57 2.81 11.39
N VAL A 165 8.23 1.56 11.10
CA VAL A 165 9.25 0.59 10.69
C VAL A 165 9.24 0.47 9.17
N GLY A 166 10.44 0.50 8.60
CA GLY A 166 10.58 0.48 7.16
C GLY A 166 9.98 -0.73 6.50
N ARG A 167 9.58 -0.55 5.24
CA ARG A 167 9.01 -1.61 4.43
C ARG A 167 9.44 -1.43 3.00
N VAL A 168 9.78 -2.54 2.35
CA VAL A 168 10.20 -2.48 0.97
C VAL A 168 9.23 -1.72 0.07
N SER A 169 9.78 -0.84 -0.75
CA SER A 169 8.97 -0.05 -1.67
C SER A 169 8.39 1.23 -1.09
N HIS A 170 8.66 1.51 0.18
CA HIS A 170 8.13 2.73 0.80
C HIS A 170 9.28 3.64 1.16
N ASP A 171 9.08 4.95 1.09
CA ASP A 171 10.15 5.90 1.41
C ASP A 171 9.58 6.92 2.44
N PRO A 172 9.50 6.50 3.72
CA PRO A 172 9.00 7.31 4.84
C PRO A 172 9.58 8.71 4.87
N LYS A 173 10.88 8.86 4.60
CA LYS A 173 11.48 10.18 4.62
C LYS A 173 10.78 11.12 3.63
N GLY A 174 10.49 10.62 2.44
CA GLY A 174 9.82 11.43 1.44
C GLY A 174 8.38 11.68 1.85
N TYR A 175 7.71 10.68 2.44
CA TYR A 175 6.31 10.88 2.88
C TYR A 175 6.29 12.04 3.86
N ILE A 176 7.25 12.04 4.75
CA ILE A 176 7.32 13.13 5.73
C ILE A 176 7.60 14.47 5.06
N ALA A 177 8.57 14.52 4.17
CA ALA A 177 8.89 15.80 3.52
C ALA A 177 7.74 16.38 2.70
N GLU A 178 6.96 15.52 2.06
CA GLU A 178 5.84 15.95 1.23
C GLU A 178 4.51 16.25 1.90
N SER A 179 4.42 16.00 3.21
CA SER A 179 3.18 16.30 3.95
C SER A 179 3.47 17.47 4.89
N PRO A 180 2.80 18.61 4.68
CA PRO A 180 3.10 19.72 5.57
C PRO A 180 2.90 19.39 7.05
N ILE A 181 1.89 18.60 7.36
CA ILE A 181 1.64 18.28 8.77
C ILE A 181 2.76 17.42 9.36
N LEU A 182 3.16 16.39 8.64
CA LEU A 182 4.24 15.54 9.12
C LEU A 182 5.54 16.30 9.22
N ARG A 183 5.83 17.10 8.20
CA ARG A 183 7.07 17.84 8.17
C ARG A 183 7.18 18.73 9.40
N MET A 184 6.07 19.41 9.74
CA MET A 184 6.05 20.33 10.89
C MET A 184 6.28 19.60 12.23
N HIS A 185 5.89 18.33 12.30
CA HIS A 185 6.05 17.58 13.54
C HIS A 185 6.99 16.39 13.40
N GLN A 186 7.91 16.49 12.45
CA GLN A 186 8.82 15.37 12.18
C GLN A 186 9.68 14.90 13.33
N HIS A 187 9.87 15.77 14.32
CA HIS A 187 10.65 15.43 15.51
C HIS A 187 9.91 14.37 16.33
N ASN A 188 8.60 14.29 16.12
CA ASN A 188 7.79 13.30 16.85
C ASN A 188 7.55 12.05 15.99
N ILE A 189 8.28 11.93 14.89
CA ILE A 189 8.14 10.74 14.04
C ILE A 189 9.50 10.06 14.06
N HIS A 190 9.52 8.81 14.51
CA HIS A 190 10.77 8.05 14.60
C HIS A 190 10.79 6.94 13.56
N LEU A 191 11.73 7.04 12.63
CA LEU A 191 11.88 6.07 11.57
C LEU A 191 12.87 4.99 11.97
N ALA A 192 12.39 3.76 12.06
CA ALA A 192 13.23 2.63 12.41
C ALA A 192 13.24 1.65 11.26
N LYS A 193 14.29 0.85 11.17
CA LYS A 193 14.36 -0.17 10.13
C LYS A 193 15.55 -1.05 10.39
N GLU A 194 15.47 -2.28 9.92
CA GLU A 194 16.60 -3.18 10.07
C GLU A 194 16.93 -3.64 8.67
N PRO A 195 18.21 -3.91 8.43
CA PRO A 195 18.77 -4.37 7.15
C PRO A 195 18.25 -5.76 6.76
N VAL A 196 16.97 -6.02 7.04
CA VAL A 196 16.42 -7.31 6.69
C VAL A 196 15.24 -7.12 5.73
N GLN A 197 14.93 -8.17 4.99
CA GLN A 197 13.80 -8.14 4.07
C GLN A 197 12.82 -9.16 4.61
N ASN A 198 11.68 -8.66 5.05
CA ASN A 198 10.71 -9.55 5.60
C ASN A 198 9.33 -9.05 5.23
N GLU A 199 8.93 -9.35 4.00
CA GLU A 199 7.65 -8.89 3.50
C GLU A 199 6.65 -10.03 3.35
N ILE A 200 6.43 -10.75 4.44
CA ILE A 200 5.49 -11.87 4.49
C ILE A 200 4.13 -11.19 4.70
N SER A 201 3.17 -11.37 3.79
CA SER A 201 1.88 -10.69 4.05
C SER A 201 0.89 -11.63 4.71
N ALA A 202 0.04 -11.08 5.57
CA ALA A 202 -0.94 -11.93 6.25
C ALA A 202 -1.90 -12.47 5.17
N THR A 203 -2.09 -11.74 4.08
CA THR A 203 -2.97 -12.23 3.02
C THR A 203 -2.42 -13.55 2.49
N TYR A 204 -1.10 -13.61 2.28
CA TYR A 204 -0.52 -14.87 1.81
C TYR A 204 -0.70 -15.95 2.88
N ILE A 205 -0.48 -15.57 4.14
CA ILE A 205 -0.64 -16.53 5.25
C ILE A 205 -2.04 -17.17 5.18
N ARG A 206 -3.08 -16.35 5.09
CA ARG A 206 -4.44 -16.89 5.04
C ARG A 206 -4.65 -17.80 3.82
N ARG A 207 -4.09 -17.42 2.67
CA ARG A 207 -4.29 -18.22 1.46
C ARG A 207 -3.60 -19.57 1.60
N ALA A 208 -2.38 -19.53 2.12
CA ALA A 208 -1.60 -20.74 2.32
C ALA A 208 -2.36 -21.68 3.27
N LEU A 209 -2.83 -21.13 4.40
CA LEU A 209 -3.57 -21.92 5.39
C LEU A 209 -4.81 -22.52 4.73
N GLY A 210 -5.47 -21.74 3.89
CA GLY A 210 -6.66 -22.23 3.20
C GLY A 210 -6.37 -23.39 2.25
N GLN A 211 -5.14 -23.44 1.76
CA GLN A 211 -4.73 -24.50 0.85
C GLN A 211 -4.07 -25.69 1.55
N GLY A 212 -4.06 -25.68 2.87
CA GLY A 212 -3.44 -26.78 3.59
C GLY A 212 -1.92 -26.73 3.63
N GLN A 213 -1.34 -25.62 3.21
CA GLN A 213 0.11 -25.49 3.20
C GLN A 213 0.62 -25.03 4.57
N SER A 214 1.92 -25.18 4.80
CA SER A 214 2.49 -24.77 6.08
C SER A 214 2.81 -23.27 6.13
N VAL A 215 2.65 -22.66 7.29
CA VAL A 215 3.06 -21.27 7.49
C VAL A 215 3.98 -21.27 8.71
N LYS A 216 4.47 -22.47 9.06
CA LYS A 216 5.36 -22.58 10.22
C LYS A 216 6.60 -21.77 9.96
N TYR A 217 7.09 -21.11 11.00
CA TYR A 217 8.26 -20.23 10.95
C TYR A 217 7.97 -18.86 10.32
N LEU A 218 6.71 -18.64 9.90
CA LEU A 218 6.28 -17.31 9.38
C LEU A 218 5.40 -16.64 10.45
N ILE A 219 4.66 -17.45 11.22
CA ILE A 219 3.83 -16.95 12.30
C ILE A 219 4.12 -17.87 13.51
N PRO A 220 3.86 -17.40 14.74
CA PRO A 220 4.17 -18.26 15.88
C PRO A 220 3.52 -19.62 15.96
N ASP A 221 4.27 -20.58 16.50
CA ASP A 221 3.76 -21.94 16.66
C ASP A 221 2.45 -21.93 17.45
N ALA A 222 2.35 -21.05 18.45
CA ALA A 222 1.14 -21.01 19.26
C ALA A 222 -0.09 -20.58 18.46
N VAL A 223 0.12 -19.69 17.49
CA VAL A 223 -0.95 -19.19 16.65
C VAL A 223 -1.41 -20.30 15.69
N ILE A 224 -0.48 -21.04 15.10
CA ILE A 224 -0.84 -22.14 14.20
C ILE A 224 -1.69 -23.17 14.94
N THR A 225 -1.32 -23.45 16.19
CA THR A 225 -2.06 -24.41 17.01
C THR A 225 -3.52 -23.92 17.18
N TYR A 226 -3.69 -22.66 17.56
CA TYR A 226 -5.04 -22.10 17.73
C TYR A 226 -5.84 -22.17 16.42
N ILE A 227 -5.22 -21.77 15.31
CA ILE A 227 -5.91 -21.79 14.03
C ILE A 227 -6.37 -23.21 13.69
N LYS A 228 -5.49 -24.17 13.91
CA LYS A 228 -5.85 -25.56 13.63
C LYS A 228 -6.98 -26.03 14.55
N ASP A 229 -6.83 -25.79 15.85
CA ASP A 229 -7.82 -26.22 16.83
C ASP A 229 -9.20 -25.59 16.63
N HIS A 230 -9.25 -24.36 16.13
CA HIS A 230 -10.53 -23.68 15.97
C HIS A 230 -11.00 -23.61 14.54
N GLY A 231 -10.30 -24.31 13.67
CA GLY A 231 -10.67 -24.37 12.26
C GLY A 231 -10.78 -23.04 11.57
N LEU A 232 -9.83 -22.15 11.82
CA LEU A 232 -9.86 -20.84 11.20
C LEU A 232 -9.22 -20.79 9.81
N TYR A 233 -9.62 -19.78 9.05
CA TYR A 233 -9.09 -19.54 7.72
C TYR A 233 -9.24 -20.69 6.75
N THR A 234 -10.36 -21.41 6.81
CA THR A 234 -10.57 -22.50 5.88
C THR A 234 -11.18 -21.88 4.62
N LYS A 235 -11.04 -22.56 3.48
CA LYS A 235 -11.58 -22.04 2.22
C LYS A 235 -13.04 -21.65 2.32
N SER B 3 -8.24 -17.27 -33.71
CA SER B 3 -7.46 -16.00 -33.77
C SER B 3 -7.37 -15.35 -32.40
N ARG B 4 -6.28 -14.61 -32.17
CA ARG B 4 -6.08 -13.92 -30.90
C ARG B 4 -6.93 -12.68 -30.75
N ILE B 5 -7.32 -12.39 -29.50
CA ILE B 5 -8.14 -11.24 -29.18
C ILE B 5 -7.26 -10.00 -29.01
N PRO B 6 -7.56 -8.91 -29.73
CA PRO B 6 -6.80 -7.65 -29.66
C PRO B 6 -6.99 -6.99 -28.31
N VAL B 7 -5.89 -6.56 -27.70
CA VAL B 7 -5.96 -5.94 -26.40
C VAL B 7 -5.21 -4.63 -26.35
N VAL B 8 -5.78 -3.68 -25.63
CA VAL B 8 -5.15 -2.39 -25.39
C VAL B 8 -5.00 -2.31 -23.88
N LEU B 9 -3.82 -1.94 -23.40
CA LEU B 9 -3.59 -1.83 -21.96
C LEU B 9 -3.56 -0.37 -21.54
N LEU B 10 -4.35 -0.02 -20.54
CA LEU B 10 -4.44 1.33 -20.02
C LEU B 10 -3.91 1.40 -18.59
N ALA B 11 -2.88 2.22 -18.35
CA ALA B 11 -2.36 2.37 -17.00
C ALA B 11 -2.70 3.76 -16.51
N CYS B 12 -3.50 3.86 -15.46
CA CYS B 12 -3.82 5.15 -14.89
C CYS B 12 -2.92 5.32 -13.68
N GLY B 13 -2.40 6.52 -13.46
CA GLY B 13 -1.56 6.73 -12.29
C GLY B 13 -1.02 8.13 -12.23
N SER B 14 -0.22 8.41 -11.21
CA SER B 14 0.38 9.73 -11.07
C SER B 14 1.51 9.98 -12.06
N PHE B 15 2.40 8.99 -12.19
CA PHE B 15 3.58 9.09 -13.05
C PHE B 15 4.26 10.40 -12.70
N ASN B 16 4.66 10.48 -11.44
CA ASN B 16 5.25 11.68 -10.88
C ASN B 16 6.64 11.52 -10.27
N PRO B 17 7.66 11.25 -11.11
CA PRO B 17 7.65 11.07 -12.56
C PRO B 17 7.53 9.61 -12.97
N ILE B 18 7.38 9.38 -14.27
CA ILE B 18 7.34 8.04 -14.79
C ILE B 18 8.74 7.45 -14.48
N THR B 19 8.80 6.16 -14.18
CA THR B 19 10.07 5.49 -13.84
C THR B 19 10.28 4.21 -14.68
N ASN B 20 11.45 3.60 -14.56
CA ASN B 20 11.69 2.38 -15.31
C ASN B 20 10.74 1.26 -14.85
N MET B 21 10.29 1.32 -13.60
CA MET B 21 9.35 0.30 -13.08
C MET B 21 8.00 0.39 -13.75
N HIS B 22 7.50 1.62 -13.88
CA HIS B 22 6.20 1.82 -14.53
C HIS B 22 6.29 1.25 -15.95
N LEU B 23 7.38 1.55 -16.62
CA LEU B 23 7.55 1.08 -18.00
C LEU B 23 7.65 -0.43 -18.04
N ARG B 24 8.47 -1.00 -17.16
CA ARG B 24 8.64 -2.44 -17.11
C ARG B 24 7.28 -3.14 -16.96
N MET B 25 6.39 -2.55 -16.18
CA MET B 25 5.06 -3.11 -15.96
C MET B 25 4.39 -3.44 -17.30
N PHE B 26 4.44 -2.53 -18.28
CA PHE B 26 3.83 -2.81 -19.57
C PHE B 26 4.44 -4.01 -20.27
N GLU B 27 5.76 -4.08 -20.29
CA GLU B 27 6.45 -5.18 -20.96
C GLU B 27 6.11 -6.55 -20.38
N VAL B 28 6.07 -6.62 -19.05
CA VAL B 28 5.75 -7.88 -18.36
C VAL B 28 4.30 -8.28 -18.64
N ALA B 29 3.38 -7.32 -18.56
CA ALA B 29 1.97 -7.59 -18.83
C ALA B 29 1.77 -8.10 -20.26
N ARG B 30 2.41 -7.45 -21.23
CA ARG B 30 2.25 -7.87 -22.62
C ARG B 30 2.77 -9.29 -22.83
N ASP B 31 3.96 -9.56 -22.34
CA ASP B 31 4.54 -10.90 -22.48
C ASP B 31 3.62 -11.93 -21.82
N HIS B 32 3.08 -11.61 -20.65
CA HIS B 32 2.20 -12.55 -19.98
C HIS B 32 0.96 -12.83 -20.83
N LEU B 33 0.32 -11.77 -21.33
CA LEU B 33 -0.89 -11.94 -22.14
C LEU B 33 -0.62 -12.70 -23.43
N HIS B 34 0.54 -12.48 -24.04
CA HIS B 34 0.86 -13.20 -25.26
C HIS B 34 1.11 -14.68 -24.95
N GLN B 35 1.71 -14.92 -23.79
CA GLN B 35 2.03 -16.28 -23.37
C GLN B 35 0.77 -17.15 -23.25
N THR B 36 -0.34 -16.55 -22.83
CA THR B 36 -1.59 -17.31 -22.70
C THR B 36 -2.02 -17.83 -24.04
N GLY B 37 -1.49 -17.24 -25.10
CA GLY B 37 -1.86 -17.66 -26.45
C GLY B 37 -3.22 -17.14 -26.90
N MET B 38 -3.97 -16.54 -26.00
CA MET B 38 -5.29 -16.03 -26.35
C MET B 38 -5.37 -14.57 -26.78
N TYR B 39 -4.33 -13.80 -26.53
CA TYR B 39 -4.40 -12.38 -26.86
C TYR B 39 -3.22 -11.84 -27.66
N GLN B 40 -3.46 -10.70 -28.29
CA GLN B 40 -2.43 -9.99 -29.02
C GLN B 40 -2.53 -8.56 -28.55
N VAL B 41 -1.58 -8.14 -27.72
CA VAL B 41 -1.59 -6.77 -27.21
C VAL B 41 -1.18 -5.87 -28.35
N ILE B 42 -2.02 -4.91 -28.69
CA ILE B 42 -1.70 -4.03 -29.80
C ILE B 42 -1.31 -2.61 -29.41
N GLN B 43 -1.62 -2.22 -28.18
CA GLN B 43 -1.27 -0.86 -27.75
C GLN B 43 -1.24 -0.70 -26.25
N GLY B 44 -0.38 0.20 -25.79
CA GLY B 44 -0.29 0.50 -24.38
C GLY B 44 -0.58 1.98 -24.22
N ILE B 45 -1.29 2.34 -23.16
CA ILE B 45 -1.63 3.75 -22.91
C ILE B 45 -1.35 4.21 -21.47
N ILE B 46 -0.49 5.22 -21.37
CA ILE B 46 -0.16 5.80 -20.06
C ILE B 46 -1.08 7.01 -19.92
N SER B 47 -1.92 7.04 -18.89
CA SER B 47 -2.82 8.16 -18.71
C SER B 47 -2.60 8.79 -17.35
N PRO B 48 -1.78 9.86 -17.33
CA PRO B 48 -1.46 10.59 -16.10
C PRO B 48 -2.69 11.22 -15.49
N VAL B 49 -2.77 11.16 -14.17
CA VAL B 49 -3.89 11.72 -13.44
C VAL B 49 -3.92 13.24 -13.47
N ASN B 50 -5.12 13.79 -13.32
CA ASN B 50 -5.40 15.23 -13.30
C ASN B 50 -4.74 15.92 -12.11
N ASP B 51 -4.53 17.23 -12.20
CA ASP B 51 -3.89 17.96 -11.10
C ASP B 51 -4.74 18.22 -9.86
N THR B 52 -6.03 17.97 -9.92
CA THR B 52 -6.88 18.22 -8.75
C THR B 52 -6.95 16.99 -7.84
N TYR B 53 -6.43 15.88 -8.34
CA TYR B 53 -6.46 14.62 -7.61
C TYR B 53 -5.66 14.60 -6.32
N GLY B 54 -6.24 13.96 -5.30
CA GLY B 54 -5.57 13.80 -4.02
C GLY B 54 -5.04 14.96 -3.21
N LYS B 55 -4.32 14.59 -2.14
CA LYS B 55 -3.73 15.53 -1.19
C LYS B 55 -2.22 15.56 -1.39
N LYS B 56 -1.78 15.69 -2.64
CA LYS B 56 -0.37 15.71 -2.94
C LYS B 56 0.01 16.83 -3.89
N ASP B 57 1.22 17.36 -3.70
CA ASP B 57 1.71 18.39 -4.58
C ASP B 57 2.41 17.59 -5.70
N LEU B 58 1.69 17.39 -6.80
CA LEU B 58 2.20 16.66 -7.96
C LEU B 58 2.78 17.66 -8.96
N ALA B 59 3.76 17.25 -9.76
CA ALA B 59 4.28 18.16 -10.78
C ALA B 59 3.10 18.49 -11.71
N ALA B 60 3.10 19.65 -12.37
CA ALA B 60 1.98 19.99 -13.27
C ALA B 60 1.70 18.88 -14.29
N SER B 61 0.43 18.59 -14.54
CA SER B 61 0.09 17.54 -15.49
C SER B 61 0.81 17.65 -16.85
N HIS B 62 0.94 18.85 -17.41
CA HIS B 62 1.61 18.92 -18.72
C HIS B 62 3.08 18.43 -18.61
N HIS B 63 3.71 18.61 -17.45
CA HIS B 63 5.07 18.12 -17.27
C HIS B 63 5.09 16.58 -17.22
N ARG B 64 4.15 16.00 -16.48
CA ARG B 64 4.11 14.54 -16.34
C ARG B 64 3.79 13.91 -17.69
N VAL B 65 2.93 14.58 -18.47
CA VAL B 65 2.64 14.05 -19.79
C VAL B 65 3.89 14.11 -20.65
N ALA B 66 4.60 15.23 -20.60
CA ALA B 66 5.80 15.42 -21.41
C ALA B 66 6.88 14.40 -21.05
N MET B 67 7.03 14.12 -19.75
CA MET B 67 8.05 13.16 -19.33
C MET B 67 7.67 11.76 -19.79
N ALA B 68 6.38 11.44 -19.70
CA ALA B 68 5.95 10.13 -20.13
C ALA B 68 6.21 9.99 -21.64
N ARG B 69 5.90 11.05 -22.38
CA ARG B 69 6.12 11.02 -23.83
C ARG B 69 7.61 10.77 -24.09
N LEU B 70 8.48 11.53 -23.42
CA LEU B 70 9.92 11.32 -23.63
C LEU B 70 10.34 9.90 -23.27
N ALA B 71 9.84 9.42 -22.13
CA ALA B 71 10.15 8.05 -21.70
C ALA B 71 9.75 7.01 -22.76
N LEU B 72 8.65 7.29 -23.46
CA LEU B 72 8.13 6.35 -24.45
C LEU B 72 8.61 6.52 -25.89
N GLN B 73 9.50 7.48 -26.13
CA GLN B 73 9.99 7.67 -27.49
C GLN B 73 10.56 6.40 -28.06
N THR B 74 11.20 5.57 -27.23
CA THR B 74 11.79 4.34 -27.75
C THR B 74 10.85 3.14 -27.70
N SER B 75 9.60 3.39 -27.39
CA SER B 75 8.63 2.31 -27.37
C SER B 75 7.89 2.37 -28.67
N ASP B 76 7.67 1.23 -29.31
CA ASP B 76 6.92 1.20 -30.56
C ASP B 76 5.45 0.81 -30.31
N TRP B 77 5.04 0.63 -29.06
CA TRP B 77 3.64 0.26 -28.81
C TRP B 77 2.92 0.95 -27.66
N ILE B 78 3.67 1.67 -26.83
CA ILE B 78 3.11 2.38 -25.70
C ILE B 78 3.09 3.88 -25.96
N ARG B 79 1.97 4.54 -25.69
CA ARG B 79 1.87 5.98 -25.89
C ARG B 79 1.21 6.64 -24.68
N VAL B 80 1.45 7.94 -24.49
CA VAL B 80 0.82 8.65 -23.39
C VAL B 80 -0.43 9.31 -23.97
N ASP B 81 -1.50 9.36 -23.19
CA ASP B 81 -2.72 10.02 -23.66
C ASP B 81 -3.08 11.04 -22.60
N PRO B 82 -3.01 12.33 -22.94
CA PRO B 82 -3.31 13.38 -21.97
C PRO B 82 -4.78 13.68 -21.71
N TRP B 83 -5.70 13.03 -22.42
CA TRP B 83 -7.12 13.31 -22.24
C TRP B 83 -7.50 13.48 -20.77
N GLU B 84 -7.27 12.44 -19.99
CA GLU B 84 -7.59 12.47 -18.57
C GLU B 84 -7.02 13.65 -17.81
N SER B 85 -5.72 13.90 -17.94
CA SER B 85 -5.11 15.01 -17.22
C SER B 85 -5.64 16.36 -17.72
N GLU B 86 -6.14 16.38 -18.95
CA GLU B 86 -6.68 17.62 -19.50
C GLU B 86 -8.15 17.86 -19.19
N GLN B 87 -8.73 17.07 -18.29
CA GLN B 87 -10.13 17.32 -17.94
C GLN B 87 -10.14 18.34 -16.82
N ALA B 88 -11.23 19.08 -16.72
CA ALA B 88 -11.35 20.10 -15.70
C ALA B 88 -11.13 19.53 -14.32
N GLN B 89 -11.64 18.32 -14.08
CA GLN B 89 -11.51 17.74 -12.76
C GLN B 89 -11.08 16.28 -12.77
N TRP B 90 -10.76 15.76 -11.59
CA TRP B 90 -10.34 14.37 -11.45
C TRP B 90 -11.50 13.49 -11.86
N MET B 91 -11.20 12.32 -12.40
CA MET B 91 -12.23 11.39 -12.83
C MET B 91 -11.96 10.00 -12.30
N GLU B 92 -13.01 9.32 -11.86
CA GLU B 92 -12.84 7.95 -11.36
C GLU B 92 -12.29 7.16 -12.54
N THR B 93 -11.49 6.16 -12.24
CA THR B 93 -10.84 5.38 -13.28
C THR B 93 -11.80 4.72 -14.25
N VAL B 94 -12.93 4.24 -13.76
CA VAL B 94 -13.87 3.60 -14.64
C VAL B 94 -14.33 4.56 -15.75
N LYS B 95 -14.34 5.84 -15.46
CA LYS B 95 -14.77 6.78 -16.48
C LYS B 95 -13.68 6.95 -17.54
N VAL B 96 -12.43 6.81 -17.12
CA VAL B 96 -11.34 6.93 -18.07
C VAL B 96 -11.39 5.71 -18.99
N LEU B 97 -11.68 4.53 -18.43
CA LEU B 97 -11.80 3.34 -19.25
C LEU B 97 -12.94 3.48 -20.28
N ARG B 98 -14.08 4.00 -19.85
CA ARG B 98 -15.23 4.20 -20.74
C ARG B 98 -14.81 5.14 -21.87
N HIS B 99 -14.17 6.25 -21.51
CA HIS B 99 -13.71 7.20 -22.52
C HIS B 99 -12.85 6.52 -23.57
N HIS B 100 -11.79 5.85 -23.14
CA HIS B 100 -10.91 5.19 -24.08
C HIS B 100 -11.58 4.04 -24.81
N HIS B 101 -12.58 3.44 -24.19
CA HIS B 101 -13.30 2.36 -24.86
C HIS B 101 -14.04 2.94 -26.06
N SER B 102 -14.75 4.04 -25.83
CA SER B 102 -15.50 4.71 -26.89
C SER B 102 -14.60 5.06 -28.06
N LYS B 103 -13.43 5.64 -27.79
CA LYS B 103 -12.48 6.01 -28.84
C LYS B 103 -12.12 4.82 -29.71
N LEU B 104 -11.91 3.67 -29.07
CA LEU B 104 -11.56 2.45 -29.78
C LEU B 104 -12.67 2.07 -30.74
N LEU B 105 -13.90 2.41 -30.35
CA LEU B 105 -15.06 2.13 -31.17
C LEU B 105 -15.15 3.20 -32.24
N ARG B 106 -14.66 4.39 -31.92
CA ARG B 106 -14.69 5.54 -32.84
C ARG B 106 -16.13 5.99 -33.11
N VAL B 127 -13.36 -5.48 -32.61
CA VAL B 127 -13.03 -4.44 -31.64
C VAL B 127 -12.09 -4.99 -30.57
N PRO B 128 -11.04 -4.22 -30.23
CA PRO B 128 -10.09 -4.69 -29.22
C PRO B 128 -10.67 -4.60 -27.83
N GLU B 129 -10.18 -5.46 -26.94
CA GLU B 129 -10.63 -5.45 -25.55
C GLU B 129 -9.72 -4.51 -24.77
N LEU B 130 -10.31 -3.62 -24.00
CA LEU B 130 -9.56 -2.68 -23.20
C LEU B 130 -9.46 -3.22 -21.78
N LYS B 131 -8.23 -3.29 -21.25
CA LYS B 131 -8.00 -3.78 -19.89
C LYS B 131 -7.18 -2.78 -19.07
N LEU B 132 -7.51 -2.67 -17.78
CA LEU B 132 -6.79 -1.76 -16.92
C LEU B 132 -5.48 -2.46 -16.51
N LEU B 133 -4.37 -1.72 -16.58
CA LEU B 133 -3.08 -2.29 -16.19
C LEU B 133 -2.64 -1.64 -14.89
N CYS B 134 -2.30 -2.47 -13.90
CA CYS B 134 -1.84 -1.91 -12.64
C CYS B 134 -0.97 -2.87 -11.85
N GLY B 135 -0.34 -2.35 -10.82
CA GLY B 135 0.51 -3.17 -9.96
C GLY B 135 -0.37 -3.83 -8.92
N ALA B 136 0.13 -4.89 -8.29
CA ALA B 136 -0.65 -5.62 -7.29
C ALA B 136 -1.15 -4.74 -6.18
N ASP B 137 -0.37 -3.73 -5.81
CA ASP B 137 -0.79 -2.84 -4.75
C ASP B 137 -2.16 -2.21 -5.04
N VAL B 138 -2.46 -1.97 -6.31
CA VAL B 138 -3.74 -1.35 -6.65
C VAL B 138 -4.89 -2.25 -6.22
N LEU B 139 -4.73 -3.56 -6.40
CA LEU B 139 -5.76 -4.51 -6.01
C LEU B 139 -6.04 -4.39 -4.53
N LYS B 140 -5.00 -4.14 -3.75
CA LYS B 140 -5.19 -3.98 -2.33
C LYS B 140 -5.98 -2.71 -2.02
N THR B 141 -5.83 -1.65 -2.83
CA THR B 141 -6.57 -0.41 -2.54
C THR B 141 -8.07 -0.57 -2.76
N PHE B 142 -8.45 -1.62 -3.50
CA PHE B 142 -9.87 -1.88 -3.73
C PHE B 142 -10.55 -2.12 -2.39
N GLN B 143 -9.77 -2.58 -1.41
CA GLN B 143 -10.33 -2.87 -0.09
C GLN B 143 -10.47 -1.65 0.80
N THR B 144 -9.87 -0.53 0.41
CA THR B 144 -9.93 0.63 1.28
C THR B 144 -11.32 1.25 1.38
N PRO B 145 -11.81 1.42 2.61
CA PRO B 145 -13.13 2.00 2.84
C PRO B 145 -13.35 3.26 2.00
N ASN B 146 -14.44 3.28 1.26
CA ASN B 146 -14.84 4.40 0.43
C ASN B 146 -13.91 4.82 -0.71
N LEU B 147 -12.87 4.04 -0.99
CA LEU B 147 -11.95 4.41 -2.07
C LEU B 147 -12.46 4.11 -3.47
N TRP B 148 -13.02 2.93 -3.66
CA TRP B 148 -13.54 2.52 -4.96
C TRP B 148 -14.98 2.03 -4.75
N LYS B 149 -15.92 2.54 -5.57
CA LYS B 149 -17.31 2.11 -5.47
C LYS B 149 -17.39 0.64 -5.92
N ASP B 150 -18.10 -0.20 -5.16
CA ASP B 150 -18.22 -1.59 -5.54
C ASP B 150 -18.71 -1.74 -6.99
N ALA B 151 -19.65 -0.89 -7.41
CA ALA B 151 -20.15 -0.98 -8.79
C ALA B 151 -19.01 -0.74 -9.78
N HIS B 152 -18.08 0.12 -9.41
CA HIS B 152 -16.95 0.43 -10.28
C HIS B 152 -15.96 -0.72 -10.36
N ILE B 153 -15.69 -1.36 -9.23
CA ILE B 153 -14.79 -2.50 -9.24
C ILE B 153 -15.43 -3.56 -10.12
N GLN B 154 -16.74 -3.74 -9.99
CA GLN B 154 -17.42 -4.73 -10.82
C GLN B 154 -17.31 -4.38 -12.31
N GLU B 155 -17.60 -3.14 -12.67
CA GLU B 155 -17.51 -2.79 -14.08
C GLU B 155 -16.10 -2.98 -14.65
N ILE B 156 -15.09 -2.65 -13.87
CA ILE B 156 -13.71 -2.81 -14.32
C ILE B 156 -13.39 -4.25 -14.69
N VAL B 157 -13.77 -5.20 -13.83
CA VAL B 157 -13.44 -6.59 -14.11
C VAL B 157 -14.49 -7.31 -14.92
N GLU B 158 -15.68 -6.75 -15.01
CA GLU B 158 -16.72 -7.41 -15.77
C GLU B 158 -16.83 -6.85 -17.20
N LYS B 159 -16.90 -5.53 -17.34
CA LYS B 159 -16.99 -4.92 -18.67
C LYS B 159 -15.64 -4.85 -19.38
N PHE B 160 -14.60 -4.54 -18.62
CA PHE B 160 -13.28 -4.43 -19.21
C PHE B 160 -12.43 -5.63 -18.77
N GLY B 161 -11.36 -5.37 -18.03
CA GLY B 161 -10.53 -6.47 -17.61
C GLY B 161 -9.42 -5.87 -16.77
N LEU B 162 -8.70 -6.74 -16.06
CA LEU B 162 -7.65 -6.25 -15.19
C LEU B 162 -6.40 -7.11 -15.33
N VAL B 163 -5.26 -6.47 -15.61
CA VAL B 163 -3.99 -7.15 -15.72
C VAL B 163 -3.17 -6.58 -14.58
N CYS B 164 -2.74 -7.47 -13.68
CA CYS B 164 -2.00 -7.07 -12.50
C CYS B 164 -0.57 -7.57 -12.47
N VAL B 165 0.38 -6.67 -12.22
CA VAL B 165 1.79 -7.07 -12.15
C VAL B 165 2.19 -7.19 -10.68
N GLY B 166 2.83 -8.29 -10.35
CA GLY B 166 3.21 -8.53 -8.97
C GLY B 166 4.15 -7.52 -8.39
N ARG B 167 4.06 -7.34 -7.07
CA ARG B 167 4.94 -6.44 -6.34
C ARG B 167 5.25 -7.08 -4.98
N VAL B 168 6.47 -6.86 -4.50
CA VAL B 168 6.90 -7.42 -3.24
C VAL B 168 5.98 -7.04 -2.10
N SER B 169 5.61 -8.04 -1.29
CA SER B 169 4.77 -7.75 -0.14
C SER B 169 3.28 -7.80 -0.43
N HIS B 170 2.91 -8.16 -1.66
CA HIS B 170 1.50 -8.23 -2.04
C HIS B 170 1.14 -9.60 -2.55
N ASP B 171 -0.05 -10.08 -2.20
CA ASP B 171 -0.48 -11.41 -2.62
C ASP B 171 -1.78 -11.27 -3.45
N PRO B 172 -1.65 -10.93 -4.75
CA PRO B 172 -2.82 -10.77 -5.64
C PRO B 172 -3.79 -11.94 -5.59
N LYS B 173 -3.27 -13.16 -5.58
CA LYS B 173 -4.16 -14.31 -5.55
C LYS B 173 -5.09 -14.24 -4.33
N GLY B 174 -4.55 -13.85 -3.17
CA GLY B 174 -5.38 -13.74 -1.97
C GLY B 174 -6.37 -12.57 -2.06
N TYR B 175 -5.91 -11.46 -2.64
CA TYR B 175 -6.79 -10.29 -2.79
C TYR B 175 -7.99 -10.70 -3.63
N ILE B 176 -7.74 -11.43 -4.72
CA ILE B 176 -8.83 -11.88 -5.58
C ILE B 176 -9.75 -12.83 -4.81
N ALA B 177 -9.19 -13.88 -4.22
CA ALA B 177 -10.02 -14.83 -3.48
C ALA B 177 -10.85 -14.22 -2.38
N GLU B 178 -10.35 -13.17 -1.71
CA GLU B 178 -11.09 -12.58 -0.61
C GLU B 178 -12.08 -11.48 -1.01
N SER B 179 -12.06 -11.11 -2.27
CA SER B 179 -12.99 -10.09 -2.74
C SER B 179 -14.21 -10.76 -3.33
N PRO B 180 -15.38 -10.53 -2.75
CA PRO B 180 -16.61 -11.13 -3.27
C PRO B 180 -16.87 -10.70 -4.73
N ILE B 181 -16.32 -9.56 -5.15
CA ILE B 181 -16.52 -9.14 -6.53
C ILE B 181 -15.45 -9.72 -7.44
N LEU B 182 -14.18 -9.60 -7.07
CA LEU B 182 -13.11 -10.10 -7.91
C LEU B 182 -13.17 -11.59 -8.16
N ARG B 183 -13.41 -12.39 -7.13
CA ARG B 183 -13.39 -13.82 -7.34
C ARG B 183 -14.44 -14.33 -8.33
N MET B 184 -15.49 -13.54 -8.55
CA MET B 184 -16.52 -13.95 -9.51
C MET B 184 -16.18 -13.59 -10.95
N HIS B 185 -15.03 -12.92 -11.14
CA HIS B 185 -14.62 -12.51 -12.48
C HIS B 185 -13.17 -12.85 -12.85
N GLN B 186 -12.65 -13.93 -12.30
CA GLN B 186 -11.26 -14.30 -12.57
C GLN B 186 -10.88 -14.51 -14.04
N HIS B 187 -11.85 -14.82 -14.89
CA HIS B 187 -11.52 -15.02 -16.29
C HIS B 187 -11.00 -13.71 -16.90
N ASN B 188 -11.43 -12.59 -16.33
CA ASN B 188 -11.03 -11.26 -16.81
C ASN B 188 -9.90 -10.63 -15.99
N ILE B 189 -9.30 -11.41 -15.09
CA ILE B 189 -8.21 -10.88 -14.31
C ILE B 189 -7.00 -11.70 -14.69
N HIS B 190 -5.90 -11.03 -14.99
CA HIS B 190 -4.69 -11.71 -15.40
C HIS B 190 -3.56 -11.29 -14.45
N LEU B 191 -2.99 -12.27 -13.77
CA LEU B 191 -1.92 -11.99 -12.85
C LEU B 191 -0.62 -12.31 -13.55
N ALA B 192 0.17 -11.26 -13.79
CA ALA B 192 1.45 -11.41 -14.44
C ALA B 192 2.49 -11.29 -13.32
N LYS B 193 3.28 -12.34 -13.12
CA LYS B 193 4.29 -12.32 -12.07
C LYS B 193 5.57 -11.64 -12.53
N GLU B 194 6.19 -10.92 -11.60
CA GLU B 194 7.45 -10.21 -11.84
C GLU B 194 8.59 -11.02 -11.20
N PRO B 195 9.28 -11.83 -12.00
CA PRO B 195 10.37 -12.66 -11.51
C PRO B 195 11.56 -11.86 -10.99
N VAL B 196 11.58 -10.56 -11.27
CA VAL B 196 12.67 -9.68 -10.84
C VAL B 196 12.20 -8.83 -9.64
N GLN B 197 13.14 -8.29 -8.87
CA GLN B 197 12.80 -7.44 -7.75
C GLN B 197 13.02 -6.00 -8.18
N ASN B 198 11.93 -5.31 -8.47
CA ASN B 198 12.04 -3.95 -8.94
C ASN B 198 11.16 -3.04 -8.14
N GLU B 199 11.62 -2.70 -6.94
CA GLU B 199 10.84 -1.86 -6.07
C GLU B 199 11.48 -0.48 -5.96
N ILE B 200 11.31 0.33 -6.98
CA ILE B 200 11.87 1.67 -6.95
C ILE B 200 10.69 2.60 -6.77
N SER B 201 10.70 3.32 -5.66
CA SER B 201 9.64 4.25 -5.32
C SER B 201 9.80 5.61 -5.98
N ALA B 202 8.73 6.11 -6.60
CA ALA B 202 8.77 7.43 -7.23
C ALA B 202 8.99 8.49 -6.12
N THR B 203 8.52 8.19 -4.90
CA THR B 203 8.71 9.12 -3.78
C THR B 203 10.21 9.22 -3.51
N TYR B 204 10.88 8.08 -3.57
CA TYR B 204 12.32 8.10 -3.35
C TYR B 204 13.02 8.88 -4.47
N ILE B 205 12.60 8.64 -5.72
CA ILE B 205 13.15 9.36 -6.89
C ILE B 205 13.07 10.89 -6.65
N ARG B 206 11.89 11.37 -6.27
CA ARG B 206 11.68 12.80 -6.03
C ARG B 206 12.58 13.31 -4.90
N ARG B 207 12.70 12.54 -3.82
CA ARG B 207 13.53 12.97 -2.70
C ARG B 207 15.00 13.03 -3.08
N ALA B 208 15.46 12.01 -3.80
CA ALA B 208 16.85 11.95 -4.25
C ALA B 208 17.15 13.17 -5.15
N LEU B 209 16.25 13.43 -6.09
CA LEU B 209 16.40 14.57 -6.99
C LEU B 209 16.48 15.87 -6.19
N GLY B 210 15.61 16.01 -5.20
CA GLY B 210 15.62 17.21 -4.39
C GLY B 210 16.92 17.38 -3.60
N GLN B 211 17.63 16.27 -3.35
CA GLN B 211 18.90 16.30 -2.62
C GLN B 211 20.09 16.39 -3.56
N GLY B 212 19.82 16.50 -4.86
CA GLY B 212 20.90 16.59 -5.84
C GLY B 212 21.63 15.28 -6.09
N GLN B 213 20.98 14.16 -5.80
CA GLN B 213 21.57 12.84 -6.01
C GLN B 213 21.12 12.23 -7.34
N SER B 214 21.92 11.32 -7.88
CA SER B 214 21.57 10.68 -9.14
C SER B 214 20.42 9.70 -9.05
N VAL B 215 19.61 9.68 -10.10
CA VAL B 215 18.54 8.70 -10.23
C VAL B 215 18.74 8.06 -11.60
N LYS B 216 19.93 8.28 -12.20
CA LYS B 216 20.22 7.70 -13.50
C LYS B 216 20.10 6.18 -13.40
N TYR B 217 19.63 5.57 -14.48
CA TYR B 217 19.40 4.14 -14.57
C TYR B 217 18.18 3.67 -13.74
N LEU B 218 17.47 4.60 -13.10
CA LEU B 218 16.23 4.27 -12.38
C LEU B 218 15.04 4.81 -13.21
N ILE B 219 15.28 5.90 -13.94
CA ILE B 219 14.26 6.47 -14.81
C ILE B 219 14.99 6.83 -16.12
N PRO B 220 14.26 6.96 -17.24
CA PRO B 220 14.92 7.30 -18.52
C PRO B 220 15.73 8.58 -18.52
N ASP B 221 16.88 8.51 -19.20
CA ASP B 221 17.79 9.65 -19.35
C ASP B 221 17.08 10.92 -19.81
N ALA B 222 16.21 10.78 -20.79
CA ALA B 222 15.51 11.92 -21.33
C ALA B 222 14.60 12.54 -20.30
N VAL B 223 14.08 11.72 -19.38
CA VAL B 223 13.21 12.24 -18.33
C VAL B 223 14.06 13.03 -17.32
N ILE B 224 15.23 12.50 -16.99
CA ILE B 224 16.15 13.21 -16.08
C ILE B 224 16.47 14.60 -16.67
N THR B 225 16.79 14.63 -17.97
CA THR B 225 17.12 15.89 -18.64
C THR B 225 15.95 16.87 -18.56
N TYR B 226 14.75 16.39 -18.86
CA TYR B 226 13.55 17.25 -18.80
C TYR B 226 13.40 17.81 -17.38
N ILE B 227 13.56 16.95 -16.39
CA ILE B 227 13.41 17.35 -15.00
C ILE B 227 14.39 18.49 -14.67
N LYS B 228 15.64 18.31 -15.10
CA LYS B 228 16.67 19.32 -14.83
C LYS B 228 16.30 20.62 -15.56
N ASP B 229 16.05 20.54 -16.86
CA ASP B 229 15.71 21.72 -17.67
C ASP B 229 14.58 22.54 -17.08
N HIS B 230 13.56 21.87 -16.56
CA HIS B 230 12.40 22.56 -16.04
C HIS B 230 12.35 22.77 -14.53
N GLY B 231 13.46 22.52 -13.86
CA GLY B 231 13.50 22.72 -12.41
C GLY B 231 12.45 21.97 -11.60
N LEU B 232 12.09 20.77 -12.03
CA LEU B 232 11.09 20.01 -11.30
C LEU B 232 11.70 19.28 -10.10
N TYR B 233 10.89 19.07 -9.07
CA TYR B 233 11.29 18.34 -7.87
C TYR B 233 12.45 18.99 -7.09
N THR B 234 12.49 20.32 -7.09
CA THR B 234 13.50 21.09 -6.36
C THR B 234 12.79 21.78 -5.18
S SO4 C . -12.91 14.00 17.22
O1 SO4 C . -13.32 13.25 16.04
O2 SO4 C . -12.90 13.12 18.39
O3 SO4 C . -11.56 14.54 17.05
O4 SO4 C . -13.89 15.12 17.50
S SO4 D . -1.95 -7.84 4.29
O1 SO4 D . -0.76 -7.26 4.92
O2 SO4 D . -2.27 -7.08 3.08
O3 SO4 D . -1.71 -9.22 3.89
O4 SO4 D . -3.13 -7.76 5.24
PA NAD E . -2.26 -5.10 9.66
O1A NAD E . -2.70 -6.23 10.54
O2A NAD E . -2.23 -5.39 8.18
O5B NAD E . -0.78 -4.69 10.10
C5B NAD E . -0.56 -4.24 11.47
C4B NAD E . 0.71 -3.41 11.41
O4B NAD E . 1.80 -4.19 10.90
C3B NAD E . 0.64 -2.19 10.49
O3B NAD E . 1.08 -1.01 11.23
C2B NAD E . 1.54 -2.62 9.34
O2B NAD E . 2.12 -1.47 8.74
C1B NAD E . 2.55 -3.48 10.04
N9A NAD E . 3.19 -4.46 9.20
C8A NAD E . 2.62 -5.53 8.56
N7A NAD E . 3.51 -6.26 7.87
C5A NAD E . 4.71 -5.60 8.11
C6A NAD E . 6.05 -5.86 7.68
N6A NAD E . 6.40 -6.88 6.90
N1A NAD E . 7.03 -4.98 8.10
C2A NAD E . 6.69 -3.93 8.91
N3A NAD E . 5.47 -3.63 9.36
C4A NAD E . 4.52 -4.50 8.93
O3 NAD E . -3.18 -3.86 10.00
PN NAD E . -4.00 -2.91 9.01
O1N NAD E . -5.25 -3.52 8.46
O2N NAD E . -3.07 -2.41 7.95
O5D NAD E . -4.37 -1.85 10.15
C5D NAD E . -5.16 -0.69 9.82
C4D NAD E . -5.26 0.06 11.10
O4D NAD E . -5.28 1.46 10.75
C3D NAD E . -6.53 -0.21 11.92
O3D NAD E . -6.24 -0.14 13.33
C2D NAD E . -7.44 0.92 11.51
O2D NAD E . -8.43 1.20 12.52
C1D NAD E . -6.46 2.04 11.31
N1N NAD E . -7.00 3.06 10.41
C2N NAD E . -7.45 4.24 10.98
C3N NAD E . -8.00 5.31 10.17
C7N NAD E . -8.44 6.50 10.95
O7N NAD E . -8.90 7.43 10.24
N7N NAD E . -8.32 6.58 12.29
C4N NAD E . -8.09 5.16 8.71
C5N NAD E . -7.57 3.83 8.14
C6N NAD E . -7.08 2.90 8.98
S SO4 F . -21.29 6.28 -12.62
O1 SO4 F . -20.45 6.70 -11.48
O2 SO4 F . -20.75 6.84 -13.85
O3 SO4 F . -21.30 4.83 -12.77
O4 SO4 F . -22.70 6.79 -12.44
S SO4 G . 5.29 5.83 -4.56
O1 SO4 G . 5.54 4.85 -5.62
O2 SO4 G . 6.49 6.60 -4.32
O3 SO4 G . 4.24 6.77 -4.95
O4 SO4 G . 4.94 5.13 -3.27
PA NAD H . 1.62 5.63 -9.62
O1A NAD H . 2.25 6.66 -10.48
O2A NAD H . 2.21 5.51 -8.26
O5B NAD H . 1.78 4.17 -10.32
C5B NAD H . 1.02 3.86 -11.55
C4B NAD H . 1.02 2.34 -11.64
O4B NAD H . 2.36 1.80 -11.52
C3B NAD H . 0.18 1.62 -10.56
O3B NAD H . -0.75 0.66 -11.16
C2B NAD H . 1.28 1.00 -9.72
O2B NAD H . 0.79 -0.16 -9.08
C1B NAD H . 2.33 0.67 -10.76
N9A NAD H . 3.64 0.52 -10.20
C8A NAD H . 4.41 1.46 -9.58
N7A NAD H . 5.59 1.01 -9.17
C5A NAD H . 5.55 -0.33 -9.55
C6A NAD H . 6.52 -1.39 -9.41
N6A NAD H . 7.71 -1.25 -8.83
N1A NAD H . 6.17 -2.64 -9.92
C2A NAD H . 4.94 -2.80 -10.54
N3A NAD H . 3.99 -1.86 -10.70
C4A NAD H . 4.37 -0.65 -10.19
O3 NAD H . 0.08 5.93 -9.58
PN NAD H . -0.87 6.00 -8.30
O1N NAD H . -0.79 7.28 -7.56
O2N NAD H . -0.58 4.79 -7.45
O5D NAD H . -2.22 5.91 -9.17
C5D NAD H . -3.54 6.02 -8.58
C4D NAD H . -4.49 5.88 -9.76
O4D NAD H . -5.64 5.16 -9.28
C3D NAD H . -5.00 7.20 -10.36
O3D NAD H . -5.20 7.05 -11.80
C2D NAD H . -6.33 7.38 -9.64
O2D NAD H . -7.27 8.24 -10.33
C1D NAD H . -6.81 5.96 -9.53
N1N NAD H . -7.78 5.80 -8.46
C2N NAD H . -9.13 5.67 -8.81
C3N NAD H . -10.17 5.50 -7.80
C7N NAD H . -11.56 5.38 -8.32
O7N NAD H . -12.43 5.23 -7.43
N7N NAD H . -11.88 5.42 -9.64
C4N NAD H . -9.78 5.47 -6.37
C5N NAD H . -8.30 5.61 -6.08
C6N NAD H . -7.42 5.76 -7.07
#